data_8Q9Q
#
_entry.id   8Q9Q
#
_cell.length_a   56.883
_cell.length_b   59.361
_cell.length_c   76.502
_cell.angle_alpha   90.00
_cell.angle_beta   90.00
_cell.angle_gamma   90.00
#
_symmetry.space_group_name_H-M   'P 21 21 21'
#
loop_
_entity.id
_entity.type
_entity.pdbx_description
1 polymer 'HDAC7 (histone deacetylase 7) binding motif peptide: GLY-VAL-VAL-LYS-GLN-LYS-LEU-ALA-GLU-VAL-ILE-LEU-LYS-LYS-GLN'
2 polymer 'MEF2D protein'
3 polymer 'MADS box dsDNA: AACTATTTATAAGA'
4 polymer 'MADS box dsDNA: TCTTATAAATAGTT'
5 water water
#
loop_
_entity_poly.entity_id
_entity_poly.type
_entity_poly.pdbx_seq_one_letter_code
_entity_poly.pdbx_strand_id
1 'polypeptide(L)' GVVKQKLAEVILKKQ X
2 'polypeptide(L)'
;MGRKKIQIQRITDERNRQVTFTKRKFGLMKKAYELSVLCDCEIALIIFNHSNKLFQYASTDMDKVLLKYTEYNEPHESRT
NADIIETLRKKGFNG
;
A,B
3 'polydeoxyribonucleotide' (DA)(DA)(DC)(DT)(DA)(DT)(DT)(DT)(DA)(DT)(DA)(DA)(DG)(DA) K
4 'polydeoxyribonucleotide' (DT)(DC)(DT)(DT)(DA)(DT)(DA)(DA)(DA)(DT)(DA)(DG)(DT)(DT) L
#
loop_
_chem_comp.id
_chem_comp.type
_chem_comp.name
_chem_comp.formula
DA DNA linking 2'-DEOXYADENOSINE-5'-MONOPHOSPHATE 'C10 H14 N5 O6 P'
DC DNA linking 2'-DEOXYCYTIDINE-5'-MONOPHOSPHATE 'C9 H14 N3 O7 P'
DG DNA linking 2'-DEOXYGUANOSINE-5'-MONOPHOSPHATE 'C10 H14 N5 O7 P'
DT DNA linking THYMIDINE-5'-MONOPHOSPHATE 'C10 H15 N2 O8 P'
#
# COMPACT_ATOMS: atom_id res chain seq x y z
N GLY A 1 -4.33 -12.80 15.77
CA GLY A 1 -4.65 -14.19 16.28
C GLY A 1 -5.91 -14.74 15.63
N VAL A 2 -7.06 -14.44 16.26
CA VAL A 2 -8.35 -14.92 15.79
C VAL A 2 -8.68 -14.27 14.46
N VAL A 3 -8.15 -13.06 14.22
CA VAL A 3 -8.37 -12.39 12.94
C VAL A 3 -7.55 -13.09 11.85
N LYS A 4 -6.31 -13.48 12.19
CA LYS A 4 -5.44 -14.22 11.27
C LYS A 4 -6.14 -15.54 10.92
N GLN A 5 -6.75 -16.14 11.95
CA GLN A 5 -7.48 -17.38 11.82
C GLN A 5 -8.62 -17.21 10.82
N LYS A 6 -9.43 -16.16 11.03
CA LYS A 6 -10.60 -15.87 10.20
C LYS A 6 -10.20 -15.54 8.76
N LEU A 7 -9.14 -14.74 8.58
CA LEU A 7 -8.67 -14.45 7.21
C LEU A 7 -8.37 -15.76 6.48
N ALA A 8 -7.50 -16.61 7.02
CA ALA A 8 -7.12 -17.84 6.30
C ALA A 8 -8.36 -18.68 6.04
N GLU A 9 -9.29 -18.65 6.97
CA GLU A 9 -10.53 -19.46 6.87
C GLU A 9 -11.31 -19.07 5.62
N VAL A 10 -11.30 -17.79 5.24
CA VAL A 10 -12.14 -17.35 4.09
C VAL A 10 -11.34 -17.40 2.78
N ILE A 11 -10.03 -17.14 2.81
CA ILE A 11 -9.27 -17.30 1.53
C ILE A 11 -9.36 -18.78 1.16
N LEU A 12 -9.19 -19.65 2.14
CA LEU A 12 -9.41 -21.09 1.84
C LEU A 12 -10.92 -21.19 1.70
N LYS A 13 -11.45 -22.18 0.98
CA LYS A 13 -12.92 -22.25 0.66
C LYS A 13 -13.15 -21.43 -0.60
N LYS A 14 -12.12 -21.30 -1.44
CA LYS A 14 -12.26 -20.59 -2.74
C LYS A 14 -11.63 -21.48 -3.82
N GLY B 2 15.60 12.25 -8.45
CA GLY B 2 16.96 11.86 -8.00
C GLY B 2 18.03 12.44 -8.92
N ARG B 3 19.30 12.21 -8.58
CA ARG B 3 20.42 12.69 -9.37
C ARG B 3 20.28 12.16 -10.79
N LYS B 4 19.71 10.95 -10.92
CA LYS B 4 19.55 10.31 -12.22
C LYS B 4 18.29 9.45 -12.27
N LYS B 5 17.76 9.30 -13.47
CA LYS B 5 16.66 8.40 -13.74
C LYS B 5 17.16 6.96 -13.61
N ILE B 6 16.46 6.18 -12.78
CA ILE B 6 16.75 4.75 -12.69
C ILE B 6 15.71 3.96 -13.47
N GLN B 7 16.16 2.81 -14.00
CA GLN B 7 15.29 1.81 -14.57
C GLN B 7 14.60 1.04 -13.45
N ILE B 8 13.31 0.74 -13.61
CA ILE B 8 12.66 -0.16 -12.67
C ILE B 8 13.10 -1.58 -12.97
N GLN B 9 14.09 -2.05 -12.20
CA GLN B 9 14.64 -3.39 -12.30
C GLN B 9 15.34 -3.69 -10.97
N ARG B 10 15.39 -4.97 -10.59
CA ARG B 10 15.90 -5.37 -9.28
C ARG B 10 17.31 -4.85 -9.03
N ILE B 11 17.51 -4.26 -7.84
CA ILE B 11 18.81 -3.77 -7.35
C ILE B 11 19.62 -4.96 -6.84
N THR B 12 20.85 -5.09 -7.35
CA THR B 12 21.71 -6.23 -7.03
C THR B 12 22.55 -5.93 -5.80
N ASP B 13 23.03 -4.69 -5.66
CA ASP B 13 23.81 -4.30 -4.49
C ASP B 13 22.90 -4.33 -3.27
N GLU B 14 23.25 -5.18 -2.30
CA GLU B 14 22.43 -5.49 -1.13
C GLU B 14 22.22 -4.25 -0.27
N ARG B 15 23.29 -3.45 -0.12
CA ARG B 15 23.22 -2.27 0.72
C ARG B 15 22.31 -1.24 0.05
N ASN B 16 22.52 -1.05 -1.25
CA ASN B 16 21.74 -0.06 -1.98
C ASN B 16 20.28 -0.45 -1.85
N ARG B 17 19.99 -1.74 -2.12
CA ARG B 17 18.65 -2.29 -2.10
C ARG B 17 18.00 -2.02 -0.76
N GLN B 18 18.78 -2.23 0.30
CA GLN B 18 18.28 -2.11 1.66
C GLN B 18 17.98 -0.64 1.91
N VAL B 19 18.88 0.23 1.40
CA VAL B 19 18.81 1.66 1.61
C VAL B 19 17.55 2.17 0.89
N THR B 20 17.44 1.81 -0.40
CA THR B 20 16.27 2.12 -1.22
C THR B 20 15.00 1.59 -0.55
N PHE B 21 15.01 0.32 -0.08
CA PHE B 21 13.83 -0.30 0.49
C PHE B 21 13.31 0.55 1.67
N THR B 22 14.18 0.88 2.63
CA THR B 22 13.76 1.64 3.79
C THR B 22 13.14 2.98 3.37
N LYS B 23 13.84 3.74 2.51
CA LYS B 23 13.39 5.05 2.10
C LYS B 23 12.07 4.99 1.33
N ARG B 24 11.97 4.07 0.36
CA ARG B 24 10.79 3.98 -0.48
C ARG B 24 9.60 3.42 0.30
N LYS B 25 9.83 2.52 1.25
CA LYS B 25 8.78 2.01 2.11
C LYS B 25 8.17 3.18 2.91
N PHE B 26 9.03 4.01 3.51
CA PHE B 26 8.51 5.16 4.23
C PHE B 26 7.77 6.07 3.26
N GLY B 27 8.37 6.27 2.06
CA GLY B 27 7.72 7.03 1.00
C GLY B 27 6.28 6.57 0.77
N LEU B 28 6.15 5.24 0.60
CA LEU B 28 4.91 4.55 0.28
C LEU B 28 3.89 4.70 1.42
N MET B 29 4.36 4.52 2.65
CA MET B 29 3.49 4.68 3.81
C MET B 29 3.00 6.12 3.96
N LYS B 30 3.85 7.09 3.59
CA LYS B 30 3.49 8.50 3.69
C LYS B 30 2.39 8.83 2.68
N LYS B 31 2.55 8.35 1.43
CA LYS B 31 1.52 8.52 0.40
C LYS B 31 0.21 7.83 0.84
N ALA B 32 0.31 6.74 1.61
CA ALA B 32 -0.88 6.01 2.02
C ALA B 32 -1.62 6.79 3.11
N TYR B 33 -0.89 7.30 4.08
CA TYR B 33 -1.44 8.18 5.08
C TYR B 33 -2.21 9.32 4.40
N GLU B 34 -1.56 10.06 3.50
CA GLU B 34 -2.16 11.22 2.85
C GLU B 34 -3.42 10.84 2.07
N LEU B 35 -3.38 9.76 1.26
CA LEU B 35 -4.56 9.25 0.59
C LEU B 35 -5.67 8.98 1.60
N SER B 36 -5.36 8.33 2.71
CA SER B 36 -6.39 7.93 3.67
C SER B 36 -7.05 9.14 4.34
N VAL B 37 -6.29 10.24 4.47
CA VAL B 37 -6.83 11.42 5.11
C VAL B 37 -7.55 12.33 4.11
N LEU B 38 -6.92 12.56 2.96
CA LEU B 38 -7.48 13.44 1.95
C LEU B 38 -8.81 12.90 1.44
N CYS B 39 -8.93 11.58 1.29
CA CYS B 39 -10.11 11.03 0.64
C CYS B 39 -10.98 10.19 1.59
N ASP B 40 -10.74 10.28 2.90
CA ASP B 40 -11.46 9.50 3.90
C ASP B 40 -11.59 8.03 3.46
N CYS B 41 -10.43 7.36 3.30
CA CYS B 41 -10.47 5.93 3.04
C CYS B 41 -9.65 5.17 4.06
N GLU B 42 -9.92 3.87 4.15
CA GLU B 42 -9.21 3.01 5.08
C GLU B 42 -8.23 2.13 4.28
N ILE B 43 -7.01 2.04 4.77
CA ILE B 43 -5.95 1.41 3.97
C ILE B 43 -5.19 0.44 4.84
N ALA B 44 -4.85 -0.72 4.27
CA ALA B 44 -3.91 -1.60 4.91
C ALA B 44 -2.84 -1.95 3.89
N LEU B 45 -1.61 -2.15 4.37
CA LEU B 45 -0.47 -2.40 3.50
C LEU B 45 0.39 -3.49 4.14
N ILE B 46 0.70 -4.52 3.37
CA ILE B 46 1.45 -5.66 3.85
C ILE B 46 2.64 -5.84 2.91
N ILE B 47 3.85 -5.86 3.46
CA ILE B 47 5.03 -6.00 2.62
C ILE B 47 5.90 -7.12 3.19
N PHE B 48 6.33 -8.02 2.30
CA PHE B 48 7.35 -9.01 2.63
C PHE B 48 8.59 -8.72 1.81
N ASN B 49 9.72 -8.42 2.46
CA ASN B 49 10.95 -8.09 1.76
C ASN B 49 11.59 -9.36 1.18
N HIS B 50 12.76 -9.20 0.53
CA HIS B 50 13.51 -10.31 -0.04
C HIS B 50 13.73 -11.44 0.98
N SER B 51 13.87 -11.09 2.26
CA SER B 51 14.15 -12.01 3.35
C SER B 51 12.88 -12.56 3.98
N ASN B 52 11.73 -12.40 3.29
CA ASN B 52 10.42 -12.79 3.82
C ASN B 52 10.21 -12.26 5.25
N LYS B 53 10.74 -11.07 5.56
CA LYS B 53 10.37 -10.40 6.80
C LYS B 53 9.17 -9.50 6.51
N LEU B 54 8.22 -9.44 7.47
CA LEU B 54 6.96 -8.71 7.32
C LEU B 54 7.12 -7.27 7.80
N PHE B 55 6.61 -6.32 7.00
CA PHE B 55 6.41 -4.93 7.40
C PHE B 55 4.96 -4.57 7.08
N GLN B 56 4.26 -3.90 8.01
CA GLN B 56 2.84 -3.64 7.80
C GLN B 56 2.51 -2.19 8.17
N TYR B 57 1.49 -1.66 7.48
CA TYR B 57 0.93 -0.37 7.84
C TYR B 57 -0.58 -0.47 7.77
N ALA B 58 -1.28 0.32 8.61
CA ALA B 58 -2.72 0.47 8.47
C ALA B 58 -3.08 1.90 8.85
N SER B 59 -3.99 2.54 8.11
CA SER B 59 -4.35 3.91 8.43
C SER B 59 -4.67 4.03 9.93
N THR B 60 -5.52 3.12 10.41
CA THR B 60 -6.05 3.13 11.77
C THR B 60 -5.76 1.81 12.50
N ASP B 61 -6.31 0.69 12.00
CA ASP B 61 -6.21 -0.61 12.68
C ASP B 61 -6.21 -1.75 11.66
N MET B 62 -5.11 -2.52 11.64
CA MET B 62 -4.89 -3.54 10.63
C MET B 62 -5.99 -4.61 10.69
N ASP B 63 -6.34 -5.06 11.90
CA ASP B 63 -7.30 -6.14 12.09
C ASP B 63 -8.69 -5.73 11.62
N LYS B 64 -9.04 -4.46 11.79
CA LYS B 64 -10.35 -3.97 11.39
C LYS B 64 -10.47 -4.06 9.88
N VAL B 65 -9.40 -3.67 9.17
CA VAL B 65 -9.45 -3.61 7.72
C VAL B 65 -9.49 -5.03 7.16
N LEU B 66 -8.66 -5.91 7.73
CA LEU B 66 -8.55 -7.27 7.25
C LEU B 66 -9.88 -8.01 7.42
N LEU B 67 -10.60 -7.75 8.52
CA LEU B 67 -11.88 -8.42 8.73
C LEU B 67 -12.93 -7.91 7.76
N LYS B 68 -12.96 -6.59 7.52
CA LYS B 68 -13.91 -6.03 6.58
C LYS B 68 -13.61 -6.61 5.19
N TYR B 69 -12.32 -6.84 4.90
CA TYR B 69 -11.91 -7.52 3.68
C TYR B 69 -12.59 -8.90 3.62
N THR B 70 -12.50 -9.66 4.72
CA THR B 70 -13.03 -11.02 4.71
C THR B 70 -14.54 -11.01 4.48
N GLU B 71 -15.21 -9.94 4.91
CA GLU B 71 -16.66 -9.85 4.80
C GLU B 71 -17.08 -9.40 3.41
N TYR B 72 -16.11 -9.08 2.54
CA TYR B 72 -16.48 -8.51 1.24
C TYR B 72 -16.95 -9.62 0.31
N ASN B 73 -18.09 -9.38 -0.34
CA ASN B 73 -18.84 -10.39 -1.08
C ASN B 73 -19.21 -9.83 -2.45
N GLU B 74 -18.33 -9.04 -3.05
CA GLU B 74 -18.67 -8.39 -4.29
C GLU B 74 -17.46 -8.26 -5.21
N PRO B 75 -17.62 -8.49 -6.52
CA PRO B 75 -16.66 -8.01 -7.53
C PRO B 75 -16.27 -6.54 -7.35
N HIS B 76 -14.95 -6.30 -7.33
CA HIS B 76 -14.33 -5.04 -6.98
C HIS B 76 -13.15 -4.78 -7.92
N GLU B 77 -12.49 -3.62 -7.77
CA GLU B 77 -11.30 -3.35 -8.57
C GLU B 77 -10.12 -4.12 -7.97
N SER B 78 -9.39 -4.85 -8.82
CA SER B 78 -8.24 -5.63 -8.40
C SER B 78 -7.09 -5.44 -9.39
N ARG B 79 -5.94 -4.94 -8.92
CA ARG B 79 -4.84 -4.62 -9.84
C ARG B 79 -3.59 -5.39 -9.45
N THR B 80 -2.74 -5.69 -10.44
CA THR B 80 -1.44 -6.32 -10.22
C THR B 80 -0.35 -5.49 -10.91
N ASN B 81 0.92 -5.92 -10.78
CA ASN B 81 2.02 -5.22 -11.41
C ASN B 81 1.78 -5.10 -12.92
N ALA B 82 1.21 -6.16 -13.52
CA ALA B 82 0.97 -6.19 -14.96
C ALA B 82 -0.02 -5.11 -15.41
N ASP B 83 -1.08 -4.89 -14.60
CA ASP B 83 -2.04 -3.81 -14.82
C ASP B 83 -1.29 -2.47 -14.84
N ILE B 84 -0.55 -2.17 -13.76
CA ILE B 84 0.24 -0.95 -13.66
C ILE B 84 1.10 -0.79 -14.92
N ILE B 85 1.84 -1.84 -15.31
CA ILE B 85 2.80 -1.75 -16.42
C ILE B 85 2.07 -1.48 -17.72
N GLU B 86 0.92 -2.15 -17.93
CA GLU B 86 0.05 -1.92 -19.07
C GLU B 86 -0.42 -0.47 -19.09
N THR B 87 -0.74 0.08 -17.91
CA THR B 87 -1.29 1.43 -17.83
C THR B 87 -0.19 2.46 -18.08
N LEU B 88 1.06 2.07 -17.84
CA LEU B 88 2.15 3.01 -18.04
C LEU B 88 2.47 3.12 -19.53
N ARG B 89 2.17 2.10 -20.35
CA ARG B 89 2.23 2.30 -21.79
C ARG B 89 1.08 3.18 -22.26
N LYS B 90 -0.13 3.00 -21.70
CA LYS B 90 -1.31 3.82 -21.98
C LYS B 90 -0.99 5.31 -21.82
N LYS B 91 -0.22 5.64 -20.78
CA LYS B 91 0.35 6.96 -20.62
C LYS B 91 1.73 6.96 -21.30
N GLY B 92 2.65 7.76 -20.75
CA GLY B 92 3.95 8.01 -21.33
C GLY B 92 4.11 9.52 -21.45
N PHE B 93 4.44 9.98 -22.66
CA PHE B 93 4.55 11.40 -22.97
C PHE B 93 4.29 11.60 -24.46
N GLY C 2 2.28 20.22 -7.15
CA GLY C 2 1.05 20.92 -7.58
C GLY C 2 1.23 22.44 -7.63
N ARG C 3 0.25 23.12 -8.22
CA ARG C 3 0.23 24.57 -8.33
C ARG C 3 0.35 25.17 -6.94
N LYS C 4 -0.18 24.47 -5.92
CA LYS C 4 -0.17 24.96 -4.56
C LYS C 4 -0.01 23.82 -3.54
N LYS C 5 0.63 24.15 -2.42
CA LYS C 5 0.79 23.22 -1.31
C LYS C 5 -0.56 23.02 -0.65
N ILE C 6 -1.02 21.77 -0.53
CA ILE C 6 -2.25 21.50 0.19
C ILE C 6 -1.95 20.98 1.58
N GLN C 7 -2.90 21.23 2.49
CA GLN C 7 -2.87 20.61 3.80
C GLN C 7 -3.39 19.19 3.70
N ILE C 8 -2.77 18.27 4.44
CA ILE C 8 -3.35 16.95 4.57
C ILE C 8 -4.54 17.04 5.54
N GLN C 9 -5.75 17.11 4.97
CA GLN C 9 -7.02 17.14 5.70
C GLN C 9 -8.12 16.76 4.71
N ARG C 10 -9.26 16.23 5.21
CA ARG C 10 -10.32 15.71 4.36
C ARG C 10 -10.77 16.74 3.32
N ILE C 11 -10.85 16.31 2.03
CA ILE C 11 -11.36 17.10 0.91
C ILE C 11 -12.88 17.08 0.97
N THR C 12 -13.50 18.28 0.94
CA THR C 12 -14.94 18.39 1.11
C THR C 12 -15.67 18.26 -0.23
N ASP C 13 -15.11 18.87 -1.28
CA ASP C 13 -15.72 18.79 -2.60
C ASP C 13 -15.62 17.34 -3.10
N GLU C 14 -16.78 16.74 -3.36
CA GLU C 14 -16.94 15.33 -3.65
C GLU C 14 -16.21 14.96 -4.95
N ARG C 15 -16.34 15.86 -5.94
CA ARG C 15 -15.73 15.61 -7.25
C ARG C 15 -14.22 15.66 -7.09
N ASN C 16 -13.74 16.71 -6.41
CA ASN C 16 -12.32 16.89 -6.22
C ASN C 16 -11.77 15.65 -5.54
N ARG C 17 -12.41 15.24 -4.42
CA ARG C 17 -12.05 14.10 -3.62
C ARG C 17 -11.94 12.85 -4.50
N GLN C 18 -12.93 12.67 -5.39
CA GLN C 18 -12.99 11.48 -6.22
C GLN C 18 -11.85 11.54 -7.21
N VAL C 19 -11.58 12.76 -7.72
CA VAL C 19 -10.55 12.99 -8.72
C VAL C 19 -9.18 12.70 -8.09
N THR C 20 -8.93 13.32 -6.93
CA THR C 20 -7.76 13.08 -6.10
C THR C 20 -7.61 11.58 -5.80
N PHE C 21 -8.70 10.94 -5.37
CA PHE C 21 -8.66 9.53 -4.97
C PHE C 21 -8.13 8.69 -6.12
N THR C 22 -8.74 8.82 -7.32
CA THR C 22 -8.32 8.03 -8.47
C THR C 22 -6.82 8.23 -8.75
N LYS C 23 -6.38 9.48 -8.88
CA LYS C 23 -5.01 9.83 -9.24
C LYS C 23 -4.01 9.36 -8.18
N ARG C 24 -4.29 9.62 -6.88
CA ARG C 24 -3.36 9.28 -5.82
C ARG C 24 -3.31 7.75 -5.60
N LYS C 25 -4.43 7.06 -5.83
CA LYS C 25 -4.44 5.61 -5.71
C LYS C 25 -3.53 5.02 -6.78
N PHE C 26 -3.67 5.51 -8.01
CA PHE C 26 -2.78 5.04 -9.08
C PHE C 26 -1.35 5.38 -8.70
N GLY C 27 -1.14 6.60 -8.21
CA GLY C 27 0.17 7.04 -7.73
C GLY C 27 0.77 6.01 -6.76
N LEU C 28 -0.04 5.63 -5.75
CA LEU C 28 0.33 4.75 -4.65
C LEU C 28 0.64 3.35 -5.18
N MET C 29 -0.19 2.84 -6.10
CA MET C 29 0.04 1.53 -6.66
C MET C 29 1.32 1.53 -7.51
N LYS C 30 1.62 2.66 -8.16
CA LYS C 30 2.80 2.74 -9.01
C LYS C 30 4.05 2.72 -8.14
N LYS C 31 4.04 3.46 -7.01
CA LYS C 31 5.13 3.42 -6.04
C LYS C 31 5.30 2.01 -5.48
N ALA C 32 4.20 1.26 -5.34
CA ALA C 32 4.27 -0.09 -4.79
C ALA C 32 4.84 -1.05 -5.83
N TYR C 33 4.40 -0.96 -7.09
CA TYR C 33 5.02 -1.68 -8.19
C TYR C 33 6.54 -1.51 -8.16
N GLU C 34 7.01 -0.24 -8.19
CA GLU C 34 8.43 0.06 -8.24
C GLU C 34 9.19 -0.52 -7.04
N LEU C 35 8.64 -0.34 -5.82
CA LEU C 35 9.23 -0.92 -4.62
C LEU C 35 9.34 -2.44 -4.78
N SER C 36 8.28 -3.08 -5.27
CA SER C 36 8.26 -4.54 -5.33
C SER C 36 9.29 -5.06 -6.34
N VAL C 37 9.59 -4.27 -7.37
CA VAL C 37 10.52 -4.70 -8.40
C VAL C 37 11.95 -4.35 -7.99
N LEU C 38 12.17 -3.10 -7.54
CA LEU C 38 13.50 -2.66 -7.20
C LEU C 38 14.09 -3.51 -6.08
N CYS C 39 13.25 -3.88 -5.09
CA CYS C 39 13.79 -4.50 -3.90
C CYS C 39 13.32 -5.94 -3.70
N ASP C 40 12.78 -6.57 -4.76
CA ASP C 40 12.28 -7.94 -4.69
C ASP C 40 11.41 -8.16 -3.44
N CYS C 41 10.29 -7.42 -3.34
CA CYS C 41 9.30 -7.47 -2.28
C CYS C 41 7.98 -7.98 -2.83
N GLU C 42 7.19 -8.66 -1.99
CA GLU C 42 5.81 -8.94 -2.35
C GLU C 42 4.90 -8.03 -1.52
N ILE C 43 3.94 -7.39 -2.19
CA ILE C 43 3.20 -6.33 -1.53
C ILE C 43 1.71 -6.54 -1.79
N ALA C 44 0.92 -6.32 -0.75
CA ALA C 44 -0.52 -6.30 -0.92
C ALA C 44 -1.05 -5.00 -0.35
N LEU C 45 -2.08 -4.47 -0.98
CA LEU C 45 -2.62 -3.18 -0.62
C LEU C 45 -4.15 -3.28 -0.71
N ILE C 46 -4.81 -2.91 0.38
CA ILE C 46 -6.26 -3.03 0.48
C ILE C 46 -6.79 -1.66 0.84
N ILE C 47 -7.71 -1.13 0.03
CA ILE C 47 -8.24 0.21 0.28
C ILE C 47 -9.77 0.14 0.24
N PHE C 48 -10.38 0.73 1.25
CA PHE C 48 -11.82 0.96 1.26
C PHE C 48 -12.07 2.46 1.17
N ASN C 49 -12.71 2.92 0.09
CA ASN C 49 -13.04 4.34 -0.05
C ASN C 49 -14.19 4.71 0.90
N HIS C 50 -14.57 5.98 0.89
CA HIS C 50 -15.63 6.51 1.73
C HIS C 50 -16.93 5.70 1.58
N SER C 51 -17.17 5.17 0.39
CA SER C 51 -18.36 4.40 0.05
C SER C 51 -18.20 2.91 0.36
N ASN C 52 -17.22 2.56 1.20
CA ASN C 52 -16.91 1.18 1.54
C ASN C 52 -16.82 0.29 0.28
N LYS C 53 -16.34 0.83 -0.83
CA LYS C 53 -16.01 0.00 -1.98
C LYS C 53 -14.54 -0.39 -1.87
N LEU C 54 -14.24 -1.65 -2.21
CA LEU C 54 -12.91 -2.22 -2.07
C LEU C 54 -12.11 -1.99 -3.34
N PHE C 55 -10.88 -1.53 -3.16
CA PHE C 55 -9.88 -1.50 -4.22
C PHE C 55 -8.65 -2.23 -3.69
N GLN C 56 -8.13 -3.14 -4.49
CA GLN C 56 -7.00 -3.93 -4.02
C GLN C 56 -5.91 -3.91 -5.07
N TYR C 57 -4.67 -3.99 -4.58
CA TYR C 57 -3.53 -4.22 -5.44
C TYR C 57 -2.67 -5.31 -4.80
N ALA C 58 -2.02 -6.12 -5.64
CA ALA C 58 -1.00 -7.03 -5.16
C ALA C 58 0.09 -7.10 -6.23
N SER C 59 1.38 -7.08 -5.83
CA SER C 59 2.43 -7.10 -6.82
C SER C 59 2.19 -8.27 -7.79
N THR C 60 1.94 -9.46 -7.23
CA THR C 60 1.73 -10.68 -8.01
C THR C 60 0.35 -11.28 -7.73
N ASP C 61 0.09 -11.74 -6.49
CA ASP C 61 -1.13 -12.48 -6.18
C ASP C 61 -1.58 -12.20 -4.74
N MET C 62 -2.77 -11.62 -4.62
CA MET C 62 -3.29 -11.13 -3.35
C MET C 62 -3.41 -12.28 -2.34
N ASP C 63 -3.94 -13.42 -2.78
CA ASP C 63 -4.25 -14.51 -1.87
C ASP C 63 -2.96 -15.14 -1.34
N LYS C 64 -1.90 -15.11 -2.14
CA LYS C 64 -0.63 -15.67 -1.70
C LYS C 64 -0.09 -14.82 -0.56
N VAL C 65 -0.19 -13.49 -0.70
CA VAL C 65 0.39 -12.59 0.29
C VAL C 65 -0.39 -12.67 1.58
N LEU C 66 -1.72 -12.69 1.46
CA LEU C 66 -2.60 -12.68 2.63
C LEU C 66 -2.39 -13.97 3.45
N LEU C 67 -2.17 -15.10 2.77
CA LEU C 67 -1.96 -16.34 3.50
C LEU C 67 -0.61 -16.34 4.20
N LYS C 68 0.43 -15.83 3.53
CA LYS C 68 1.74 -15.78 4.15
C LYS C 68 1.67 -14.86 5.37
N TYR C 69 0.84 -13.81 5.27
CA TYR C 69 0.56 -12.94 6.40
C TYR C 69 0.02 -13.79 7.56
N THR C 70 -1.00 -14.62 7.27
CA THR C 70 -1.64 -15.38 8.34
C THR C 70 -0.65 -16.34 9.00
N GLU C 71 0.36 -16.79 8.24
CA GLU C 71 1.33 -17.73 8.78
C GLU C 71 2.38 -17.03 9.64
N TYR C 72 2.39 -15.69 9.65
CA TYR C 72 3.50 -15.00 10.29
C TYR C 72 3.28 -14.96 11.80
N ASN C 73 4.33 -15.28 12.55
CA ASN C 73 4.22 -15.45 14.00
C ASN C 73 5.26 -14.61 14.73
N GLU C 74 6.10 -13.88 13.99
CA GLU C 74 7.19 -13.15 14.60
C GLU C 74 6.80 -11.68 14.75
N PRO C 75 7.10 -11.04 15.91
CA PRO C 75 7.10 -9.59 16.03
C PRO C 75 7.84 -8.87 14.90
N HIS C 76 7.16 -7.90 14.27
CA HIS C 76 7.59 -7.25 13.05
C HIS C 76 7.29 -5.75 13.14
N GLU C 77 7.62 -4.99 12.08
CA GLU C 77 7.31 -3.56 12.02
C GLU C 77 5.82 -3.38 11.76
N SER C 78 5.17 -2.54 12.58
CA SER C 78 3.76 -2.20 12.43
C SER C 78 3.57 -0.69 12.54
N ARG C 79 3.03 -0.06 11.49
CA ARG C 79 2.91 1.40 11.52
C ARG C 79 1.46 1.79 11.30
N THR C 80 1.08 2.93 11.89
CA THR C 80 -0.24 3.53 11.67
C THR C 80 -0.07 4.99 11.27
N ASN C 81 -1.18 5.66 10.96
CA ASN C 81 -1.16 7.07 10.59
C ASN C 81 -0.44 7.88 11.68
N ALA C 82 -0.68 7.53 12.95
CA ALA C 82 -0.13 8.26 14.08
C ALA C 82 1.40 8.18 14.13
N ASP C 83 1.94 6.99 13.82
CA ASP C 83 3.38 6.78 13.69
C ASP C 83 3.91 7.75 12.63
N ILE C 84 3.37 7.67 11.42
CA ILE C 84 3.78 8.52 10.31
C ILE C 84 3.77 9.98 10.75
N ILE C 85 2.67 10.43 11.38
CA ILE C 85 2.50 11.84 11.73
C ILE C 85 3.55 12.26 12.75
N GLU C 86 3.80 11.38 13.74
CA GLU C 86 4.84 11.58 14.73
C GLU C 86 6.21 11.65 14.08
N THR C 87 6.43 10.83 13.04
CA THR C 87 7.73 10.77 12.38
C THR C 87 7.97 12.03 11.55
N LEU C 88 6.87 12.63 11.08
CA LEU C 88 7.03 13.83 10.28
C LEU C 88 7.31 15.04 11.18
N ARG C 89 6.67 15.09 12.34
CA ARG C 89 6.88 16.21 13.25
C ARG C 89 8.33 16.23 13.73
N LYS C 90 8.94 15.04 13.80
CA LYS C 90 10.31 14.83 14.23
C LYS C 90 11.30 15.51 13.28
N LYS C 91 10.92 15.67 12.01
CA LYS C 91 11.85 16.13 10.99
C LYS C 91 11.10 16.88 9.89
N GLY C 92 11.06 18.21 10.00
CA GLY C 92 10.48 19.07 8.98
C GLY C 92 11.47 19.56 7.91
N PHE C 93 12.76 19.57 8.23
CA PHE C 93 13.71 20.32 7.41
C PHE C 93 14.59 19.36 6.59
#